data_9B3N
#
_entry.id   9B3N
#
_cell.length_a   28.030
_cell.length_b   35.080
_cell.length_c   63.890
_cell.angle_alpha   99.710
_cell.angle_beta   92.350
_cell.angle_gamma   96.860
#
_symmetry.space_group_name_H-M   'P 1'
#
loop_
_entity.id
_entity.type
_entity.pdbx_description
1 polymer 'Neurogenic locus notch homolog protein 1'
2 branched beta-D-xylopyranose-(1-3)-beta-D-glucopyranose
3 non-polymer beta-D-glucopyranose
4 non-polymer alpha-L-fucopyranose
5 non-polymer 'CALCIUM ION'
6 non-polymer 1,2-ETHANEDIOL
7 water water
#
_entity_poly.entity_id   1
_entity_poly.type   'polypeptide(L)'
_entity_poly.pdbx_seq_one_letter_code
;NNNECESNPCVNGGTCKDMTSGYVCTCREGFSGPNCQTNINECASNPCLNQGTCIDDVAGYKCNCLLPYTGATCEVVLAP
CAPSPCRNGGECRQSEDYESFSCVCPTGWQGQTCEVDINECVLSPCRHGASCQNTHGGYRCHCQAGYSGRNCETDIDDCR
PNPCHNGGSCTDGINTAFCDCLPGFRGTFCEEGSGLEVLFQ
;
_entity_poly.pdbx_strand_id   A
#
# COMPACT_ATOMS: atom_id res chain seq x y z
N ASN A 3 -57.00 -8.87 46.67
CA ASN A 3 -57.44 -9.46 45.40
C ASN A 3 -56.23 -9.90 44.52
N GLU A 4 -56.30 -9.63 43.22
CA GLU A 4 -55.57 -10.49 42.30
C GLU A 4 -54.07 -10.27 42.36
N CYS A 5 -53.61 -9.13 42.86
CA CYS A 5 -52.15 -8.96 42.92
C CYS A 5 -51.50 -9.89 43.94
N GLU A 6 -52.26 -10.54 44.81
CA GLU A 6 -51.68 -11.46 45.79
C GLU A 6 -50.91 -12.59 45.13
N SER A 7 -51.24 -12.95 43.89
CA SER A 7 -50.49 -14.06 43.28
C SER A 7 -49.20 -13.59 42.64
N ASN A 8 -48.82 -12.32 42.81
CA ASN A 8 -47.57 -11.80 42.29
C ASN A 8 -47.38 -12.11 40.80
N PRO A 9 -48.32 -11.67 39.96
CA PRO A 9 -48.26 -12.01 38.52
C PRO A 9 -47.24 -11.22 37.75
N CYS A 10 -46.79 -10.06 38.19
CA CYS A 10 -45.98 -9.24 37.29
C CYS A 10 -44.54 -9.70 37.28
N VAL A 11 -43.97 -9.84 36.11
CA VAL A 11 -42.59 -10.29 36.04
C VAL A 11 -41.71 -9.10 35.64
N ASN A 12 -40.40 -9.34 35.56
CA ASN A 12 -39.44 -8.31 35.12
C ASN A 12 -39.50 -7.07 36.01
N GLY A 13 -39.81 -7.24 37.30
CA GLY A 13 -39.77 -6.09 38.18
C GLY A 13 -40.94 -5.14 38.05
N GLY A 14 -42.00 -5.53 37.35
CA GLY A 14 -43.19 -4.70 37.28
C GLY A 14 -43.91 -4.61 38.62
N THR A 15 -44.81 -3.64 38.69
CA THR A 15 -45.60 -3.39 39.88
C THR A 15 -47.05 -3.67 39.58
N CYS A 16 -47.68 -4.45 40.45
CA CYS A 16 -49.07 -4.83 40.28
C CYS A 16 -49.99 -3.86 41.03
N LYS A 17 -51.06 -3.43 40.34
CA LYS A 17 -52.17 -2.70 40.98
C LYS A 17 -53.46 -3.51 40.88
N ASP A 18 -54.15 -3.68 41.99
CA ASP A 18 -55.43 -4.35 41.94
CA ASP A 18 -55.42 -4.36 41.92
C ASP A 18 -56.47 -3.47 41.23
N MET A 19 -57.39 -4.12 40.53
CA MET A 19 -58.49 -3.48 39.84
C MET A 19 -59.77 -4.22 40.21
N THR A 20 -60.87 -3.76 39.69
CA THR A 20 -62.12 -4.51 39.79
C THR A 20 -61.93 -5.74 38.90
N SER A 21 -61.99 -6.93 39.49
CA SER A 21 -61.97 -8.18 38.71
C SER A 21 -60.73 -8.31 37.81
N GLY A 22 -59.57 -7.93 38.33
CA GLY A 22 -58.34 -8.15 37.60
C GLY A 22 -57.24 -7.30 38.17
N TYR A 23 -56.21 -7.07 37.37
CA TYR A 23 -55.08 -6.29 37.84
C TYR A 23 -54.38 -5.63 36.67
N VAL A 24 -53.56 -4.62 36.97
CA VAL A 24 -52.69 -4.02 35.94
C VAL A 24 -51.26 -4.15 36.40
N CYS A 25 -50.36 -4.47 35.46
CA CYS A 25 -48.95 -4.41 35.78
C CYS A 25 -48.37 -3.17 35.14
N THR A 26 -47.67 -2.37 35.92
CA THR A 26 -46.89 -1.27 35.38
C THR A 26 -45.48 -1.77 35.17
N CYS A 27 -45.02 -1.74 33.92
CA CYS A 27 -43.72 -2.29 33.57
C CYS A 27 -42.58 -1.31 33.83
N ARG A 28 -41.41 -1.88 34.16
CA ARG A 28 -40.18 -1.10 34.03
C ARG A 28 -39.97 -0.72 32.58
N GLU A 29 -39.28 0.39 32.37
CA GLU A 29 -38.92 0.81 31.02
C GLU A 29 -38.26 -0.33 30.27
N GLY A 30 -38.72 -0.56 29.05
CA GLY A 30 -38.19 -1.62 28.24
C GLY A 30 -39.03 -2.88 28.20
N PHE A 31 -40.03 -2.99 29.06
CA PHE A 31 -40.94 -4.14 29.08
C PHE A 31 -42.37 -3.73 28.76
N SER A 32 -43.13 -4.71 28.28
CA SER A 32 -44.53 -4.54 27.94
C SER A 32 -45.21 -5.89 28.09
N GLY A 33 -46.51 -5.93 27.77
CA GLY A 33 -47.28 -7.14 27.98
C GLY A 33 -48.08 -7.13 29.27
N PRO A 34 -49.12 -7.95 29.38
CA PRO A 34 -50.03 -7.86 30.54
C PRO A 34 -49.33 -8.07 31.86
N ASN A 35 -48.30 -8.92 31.87
CA ASN A 35 -47.47 -9.21 33.05
C ASN A 35 -46.07 -8.66 32.91
N CYS A 36 -45.81 -7.79 31.93
CA CYS A 36 -44.49 -7.26 31.65
C CYS A 36 -43.54 -8.31 31.15
N GLN A 37 -44.07 -9.41 30.61
CA GLN A 37 -43.21 -10.49 30.15
C GLN A 37 -42.42 -10.17 28.90
N THR A 38 -42.78 -9.14 28.13
CA THR A 38 -42.10 -8.94 26.86
C THR A 38 -40.97 -7.93 27.01
N ASN A 39 -39.79 -8.32 26.56
CA ASN A 39 -38.69 -7.38 26.47
C ASN A 39 -38.83 -6.74 25.09
N ILE A 40 -39.18 -5.45 25.07
CA ILE A 40 -39.40 -4.77 23.81
C ILE A 40 -38.16 -4.88 22.92
N ASN A 41 -38.38 -5.18 21.65
CA ASN A 41 -37.26 -5.35 20.72
C ASN A 41 -36.95 -3.98 20.11
N GLU A 42 -36.00 -3.26 20.68
CA GLU A 42 -35.64 -1.94 20.12
C GLU A 42 -34.89 -2.08 18.80
N CYS A 43 -34.49 -3.29 18.43
CA CYS A 43 -33.82 -3.56 17.16
C CYS A 43 -34.80 -3.66 16.00
N ALA A 44 -36.10 -3.54 16.29
CA ALA A 44 -37.09 -3.70 15.25
C ALA A 44 -37.01 -2.60 14.22
N SER A 45 -36.42 -1.47 14.56
CA SER A 45 -36.31 -0.37 13.60
C SER A 45 -35.06 -0.51 12.74
N ASN A 46 -34.31 -1.60 12.89
CA ASN A 46 -33.13 -1.87 12.07
C ASN A 46 -32.13 -0.71 12.05
N PRO A 47 -31.62 -0.30 13.22
CA PRO A 47 -30.80 0.93 13.28
C PRO A 47 -29.38 0.76 12.80
N CYS A 48 -28.88 -0.47 12.71
CA CYS A 48 -27.47 -0.67 12.37
C CYS A 48 -27.27 -0.69 10.85
N LEU A 49 -26.31 0.09 10.38
CA LEU A 49 -25.98 0.17 8.95
C LEU A 49 -24.91 -0.86 8.55
N ASN A 50 -24.77 -1.00 7.24
CA ASN A 50 -23.59 -1.61 6.68
C ASN A 50 -23.37 -3.04 7.19
N GLN A 51 -24.48 -3.78 7.28
CA GLN A 51 -24.56 -5.18 7.65
CA GLN A 51 -24.47 -5.19 7.62
C GLN A 51 -24.02 -5.43 9.06
N GLY A 52 -24.06 -4.38 9.92
CA GLY A 52 -23.90 -4.60 11.36
C GLY A 52 -25.07 -5.36 11.97
N THR A 53 -24.85 -5.89 13.15
CA THR A 53 -25.90 -6.65 13.84
C THR A 53 -26.40 -5.86 15.02
N CYS A 54 -27.71 -5.66 15.06
CA CYS A 54 -28.33 -5.03 16.21
C CYS A 54 -28.51 -6.04 17.36
N ILE A 55 -28.11 -5.63 18.57
CA ILE A 55 -28.20 -6.48 19.76
C ILE A 55 -29.15 -5.77 20.72
N ASP A 56 -30.24 -6.45 21.06
CA ASP A 56 -31.25 -5.79 21.87
C ASP A 56 -30.77 -5.68 23.32
N ASP A 57 -31.17 -4.59 23.97
CA ASP A 57 -30.89 -4.39 25.38
C ASP A 57 -32.20 -4.10 26.10
N VAL A 58 -32.12 -3.86 27.40
CA VAL A 58 -33.26 -3.34 28.13
C VAL A 58 -33.36 -1.84 27.84
N ALA A 59 -34.40 -1.46 27.08
CA ALA A 59 -34.67 -0.06 26.74
C ALA A 59 -33.54 0.52 25.92
N GLY A 60 -33.04 -0.28 24.98
CA GLY A 60 -31.95 0.20 24.15
C GLY A 60 -31.41 -0.92 23.31
N TYR A 61 -30.38 -0.57 22.53
CA TYR A 61 -29.76 -1.53 21.67
C TYR A 61 -28.31 -1.11 21.50
N LYS A 62 -27.54 -1.98 20.89
CA LYS A 62 -26.26 -1.56 20.35
C LYS A 62 -26.06 -2.24 19.02
N CYS A 63 -25.08 -1.77 18.29
CA CYS A 63 -24.71 -2.39 17.03
C CYS A 63 -23.32 -3.03 17.12
N ASN A 64 -23.19 -4.28 16.66
CA ASN A 64 -21.89 -4.88 16.47
C ASN A 64 -21.60 -4.73 14.97
N CYS A 65 -20.64 -3.90 14.65
CA CYS A 65 -20.36 -3.62 13.25
C CYS A 65 -19.44 -4.66 12.66
N LEU A 66 -19.61 -4.87 11.38
CA LEU A 66 -18.74 -5.68 10.56
C LEU A 66 -17.59 -4.80 10.06
N LEU A 67 -16.35 -5.16 10.40
CA LEU A 67 -15.22 -4.43 9.86
C LEU A 67 -15.34 -4.33 8.33
N PRO A 68 -14.94 -3.21 7.74
CA PRO A 68 -14.24 -2.08 8.38
C PRO A 68 -15.14 -1.01 8.95
N TYR A 69 -16.44 -1.28 9.05
CA TYR A 69 -17.33 -0.28 9.64
C TYR A 69 -17.24 -0.23 11.16
N THR A 70 -17.49 0.97 11.68
CA THR A 70 -17.43 1.17 13.12
C THR A 70 -18.35 2.33 13.47
N GLY A 71 -18.30 2.78 14.73
CA GLY A 71 -19.24 3.80 15.20
C GLY A 71 -20.52 3.20 15.77
N ALA A 72 -21.29 4.05 16.42
CA ALA A 72 -22.45 3.58 17.17
C ALA A 72 -23.44 2.81 16.30
N THR A 73 -23.60 3.23 15.03
CA THR A 73 -24.53 2.58 14.11
C THR A 73 -23.81 2.07 12.86
N CYS A 74 -22.51 1.81 12.97
CA CYS A 74 -21.72 1.32 11.84
C CYS A 74 -21.67 2.34 10.73
N GLU A 75 -21.74 3.63 11.08
CA GLU A 75 -21.82 4.68 10.10
C GLU A 75 -20.46 5.31 9.75
N VAL A 76 -19.39 4.83 10.39
CA VAL A 76 -18.02 5.29 10.19
C VAL A 76 -17.28 4.15 9.53
N VAL A 77 -16.23 4.45 8.73
CA VAL A 77 -15.45 3.34 8.20
C VAL A 77 -13.98 3.55 8.50
N LEU A 78 -13.33 2.46 8.87
CA LEU A 78 -11.88 2.43 9.06
C LEU A 78 -11.28 2.36 7.68
N ALA A 79 -10.44 3.32 7.35
CA ALA A 79 -9.82 3.35 6.02
C ALA A 79 -8.44 3.95 6.15
N PRO A 80 -7.48 3.18 6.68
CA PRO A 80 -6.16 3.71 6.95
C PRO A 80 -5.41 4.08 5.68
N CYS A 81 -5.90 3.66 4.51
CA CYS A 81 -5.19 3.95 3.27
C CYS A 81 -5.86 5.06 2.48
N ALA A 82 -6.90 5.71 3.06
CA ALA A 82 -7.74 6.64 2.32
C ALA A 82 -7.03 7.90 1.80
N PRO A 83 -6.16 8.57 2.58
CA PRO A 83 -5.41 9.67 1.97
C PRO A 83 -4.03 9.23 1.46
N SER A 84 -3.94 7.95 1.08
CA SER A 84 -2.71 7.22 0.75
C SER A 84 -1.48 7.85 1.40
N PRO A 85 -1.21 7.47 2.65
CA PRO A 85 -0.04 7.99 3.35
C PRO A 85 1.29 7.57 2.74
N CYS A 86 1.30 6.58 1.83
CA CYS A 86 2.52 6.09 1.22
C CYS A 86 2.87 7.02 0.08
N ARG A 87 4.07 7.56 0.13
CA ARG A 87 4.49 8.55 -0.85
C ARG A 87 5.38 7.93 -1.90
N ASN A 88 5.67 8.71 -2.93
CA ASN A 88 6.69 8.38 -3.91
C ASN A 88 6.41 7.10 -4.67
N GLY A 89 5.13 6.76 -4.83
CA GLY A 89 4.72 5.58 -5.55
C GLY A 89 4.54 4.36 -4.70
N GLY A 90 4.72 4.48 -3.38
CA GLY A 90 4.59 3.31 -2.53
C GLY A 90 3.16 2.81 -2.50
N GLU A 91 3.01 1.52 -2.25
CA GLU A 91 1.71 0.87 -2.22
C GLU A 91 1.26 0.78 -0.78
N CYS A 92 0.03 1.26 -0.50
CA CYS A 92 -0.57 1.21 0.82
C CYS A 92 -1.32 -0.09 0.97
N ARG A 93 -1.10 -0.76 2.12
CA ARG A 93 -1.78 -2.00 2.46
C ARG A 93 -2.47 -1.76 3.78
N GLN A 94 -3.75 -2.11 3.86
CA GLN A 94 -4.47 -1.98 5.11
C GLN A 94 -4.22 -3.23 5.98
N SER A 95 -4.08 -3.03 7.29
CA SER A 95 -3.94 -4.16 8.21
C SER A 95 -5.21 -5.02 8.24
N GLU A 96 -5.07 -6.24 8.79
CA GLU A 96 -6.19 -7.18 8.91
C GLU A 96 -7.36 -6.57 9.67
N ASP A 97 -7.10 -5.83 10.72
CA ASP A 97 -8.13 -5.25 11.57
C ASP A 97 -8.47 -3.82 11.16
N TYR A 98 -7.88 -3.33 10.06
CA TYR A 98 -8.15 -2.04 9.46
C TYR A 98 -7.73 -0.88 10.33
N GLU A 99 -6.94 -1.11 11.36
CA GLU A 99 -6.56 0.00 12.22
C GLU A 99 -5.21 0.59 11.85
N SER A 100 -4.47 -0.03 10.96
CA SER A 100 -3.17 0.54 10.64
C SER A 100 -2.88 0.28 9.17
N PHE A 101 -1.78 0.83 8.71
CA PHE A 101 -1.36 0.61 7.33
C PHE A 101 0.11 0.22 7.30
N SER A 102 0.52 -0.30 6.16
CA SER A 102 1.93 -0.44 5.83
C SER A 102 2.12 -0.01 4.40
N CYS A 103 3.37 0.28 4.06
CA CYS A 103 3.70 0.75 2.72
C CYS A 103 4.76 -0.19 2.14
N VAL A 104 4.51 -0.63 0.92
CA VAL A 104 5.51 -1.29 0.09
C VAL A 104 6.18 -0.18 -0.70
N CYS A 105 7.45 0.04 -0.44
CA CYS A 105 8.10 1.16 -1.10
C CYS A 105 8.67 0.77 -2.46
N PRO A 106 8.66 1.71 -3.39
CA PRO A 106 9.41 1.51 -4.63
C PRO A 106 10.89 1.36 -4.36
N THR A 107 11.61 0.89 -5.37
CA THR A 107 13.06 0.89 -5.31
C THR A 107 13.53 2.32 -5.07
N GLY A 108 14.48 2.46 -4.19
CA GLY A 108 15.06 3.73 -3.96
C GLY A 108 14.54 4.46 -2.75
N TRP A 109 13.39 4.02 -2.20
CA TRP A 109 12.77 4.69 -1.08
C TRP A 109 12.55 3.72 0.08
N GLN A 110 12.50 4.27 1.30
CA GLN A 110 12.25 3.50 2.50
C GLN A 110 11.52 4.39 3.49
N GLY A 111 11.40 3.89 4.69
CA GLY A 111 10.60 4.50 5.74
C GLY A 111 9.15 4.05 5.74
N GLN A 112 8.51 4.27 6.89
CA GLN A 112 7.13 3.82 7.07
C GLN A 112 6.22 4.28 5.94
N THR A 113 6.46 5.48 5.39
CA THR A 113 5.63 6.05 4.36
C THR A 113 6.41 6.30 3.09
N CYS A 114 7.59 5.69 2.98
CA CYS A 114 8.33 5.72 1.72
C CYS A 114 8.88 7.09 1.41
N GLU A 115 9.19 7.85 2.47
CA GLU A 115 9.65 9.23 2.30
C GLU A 115 11.14 9.43 2.59
N VAL A 116 11.88 8.38 2.87
CA VAL A 116 13.29 8.47 3.19
C VAL A 116 14.09 7.85 2.06
N ASP A 117 15.06 8.58 1.57
CA ASP A 117 15.90 8.09 0.50
C ASP A 117 16.71 6.87 0.96
N ILE A 118 17.05 6.01 -0.02
CA ILE A 118 18.06 4.97 0.17
C ILE A 118 19.33 5.48 -0.48
N ASN A 119 20.46 5.42 0.21
CA ASN A 119 21.69 5.88 -0.44
C ASN A 119 22.37 4.68 -1.09
N GLU A 120 22.17 4.56 -2.41
CA GLU A 120 22.78 3.47 -3.17
C GLU A 120 24.29 3.55 -3.22
N CYS A 121 24.87 4.70 -2.94
CA CYS A 121 26.32 4.82 -3.07
C CYS A 121 27.05 4.25 -1.87
N VAL A 122 26.31 3.99 -0.77
CA VAL A 122 26.95 3.35 0.38
C VAL A 122 27.52 2.01 -0.03
N LEU A 123 26.78 1.26 -0.83
CA LEU A 123 27.29 0.02 -1.42
C LEU A 123 27.20 0.22 -2.93
N SER A 124 28.18 0.92 -3.46
CA SER A 124 28.01 1.54 -4.77
C SER A 124 27.90 0.46 -5.84
N PRO A 125 26.90 0.55 -6.71
CA PRO A 125 26.73 -0.43 -7.78
C PRO A 125 27.50 -0.04 -9.02
N CYS A 126 28.20 1.09 -8.99
CA CYS A 126 28.92 1.59 -10.16
C CYS A 126 30.20 0.82 -10.40
N ARG A 127 30.47 0.58 -11.66
CA ARG A 127 31.54 -0.32 -12.05
CA ARG A 127 31.50 -0.34 -12.10
C ARG A 127 32.61 0.42 -12.82
N HIS A 128 33.74 -0.26 -13.02
CA HIS A 128 34.85 0.25 -13.89
C HIS A 128 35.30 1.66 -13.47
N GLY A 129 35.43 1.89 -12.16
CA GLY A 129 35.96 3.14 -11.66
C GLY A 129 35.01 4.31 -11.68
N ALA A 130 33.75 4.09 -12.03
CA ALA A 130 32.77 5.17 -12.07
C ALA A 130 32.56 5.74 -10.68
N SER A 131 32.12 6.98 -10.62
CA SER A 131 31.77 7.64 -9.35
C SER A 131 30.27 7.59 -9.17
N CYS A 132 29.84 7.29 -7.95
CA CYS A 132 28.43 7.20 -7.64
C CYS A 132 27.91 8.52 -7.09
N GLN A 133 26.75 8.94 -7.57
CA GLN A 133 26.11 10.14 -7.07
C GLN A 133 24.77 9.74 -6.52
N ASN A 134 24.56 9.93 -5.24
CA ASN A 134 23.24 9.60 -4.66
C ASN A 134 22.28 10.73 -4.97
N THR A 135 21.05 10.39 -5.31
CA THR A 135 19.96 11.33 -5.46
C THR A 135 18.76 10.91 -4.58
N HIS A 136 17.81 11.83 -4.44
CA HIS A 136 16.58 11.56 -3.69
C HIS A 136 15.69 10.61 -4.49
N GLY A 137 15.71 9.35 -4.12
CA GLY A 137 14.93 8.31 -4.75
C GLY A 137 15.63 7.63 -5.91
N GLY A 138 16.87 8.00 -6.20
CA GLY A 138 17.69 7.24 -7.13
C GLY A 138 19.16 7.42 -6.89
N TYR A 139 19.90 7.24 -7.98
CA TYR A 139 21.33 7.48 -8.00
C TYR A 139 21.73 7.58 -9.44
N ARG A 140 22.99 7.94 -9.63
CA ARG A 140 23.53 8.07 -10.97
C ARG A 140 24.99 7.64 -10.90
N CYS A 141 25.41 6.84 -11.84
CA CYS A 141 26.82 6.51 -11.97
C CYS A 141 27.44 7.43 -13.03
N HIS A 142 28.59 7.98 -12.74
CA HIS A 142 29.26 8.82 -13.70
C HIS A 142 30.43 8.01 -14.22
N CYS A 143 30.38 7.65 -15.50
CA CYS A 143 31.35 6.68 -16.05
C CYS A 143 32.74 7.27 -16.30
N GLN A 144 33.75 6.44 -16.10
CA GLN A 144 35.05 6.70 -16.70
C GLN A 144 34.96 6.60 -18.22
N ALA A 145 35.91 7.27 -18.88
CA ALA A 145 36.02 7.17 -20.33
C ALA A 145 36.05 5.71 -20.79
N GLY A 146 35.21 5.39 -21.78
CA GLY A 146 35.14 4.06 -22.31
C GLY A 146 33.94 3.25 -21.85
N TYR A 147 33.18 3.72 -20.86
CA TYR A 147 32.12 2.91 -20.29
C TYR A 147 30.80 3.65 -20.37
N SER A 148 29.74 2.86 -20.52
CA SER A 148 28.36 3.37 -20.59
C SER A 148 27.49 2.39 -19.81
N GLY A 149 26.20 2.70 -19.77
CA GLY A 149 25.27 1.88 -19.03
C GLY A 149 24.93 2.47 -17.67
N ARG A 150 23.80 2.00 -17.14
CA ARG A 150 23.31 2.47 -15.87
C ARG A 150 24.38 2.43 -14.77
N ASN A 151 25.10 1.33 -14.67
CA ASN A 151 26.12 1.16 -13.65
C ASN A 151 27.52 1.23 -14.27
N CYS A 152 27.61 1.82 -15.46
CA CYS A 152 28.88 1.95 -16.17
C CYS A 152 29.50 0.58 -16.38
N GLU A 153 28.63 -0.39 -16.62
CA GLU A 153 29.00 -1.78 -16.73
C GLU A 153 29.40 -2.18 -18.15
N THR A 154 29.05 -1.36 -19.13
CA THR A 154 29.27 -1.67 -20.55
C THR A 154 30.53 -1.01 -21.06
N ASP A 155 31.41 -1.81 -21.63
CA ASP A 155 32.55 -1.30 -22.37
C ASP A 155 32.06 -0.84 -23.74
N ILE A 156 32.09 0.46 -23.97
CA ILE A 156 31.51 1.04 -25.18
C ILE A 156 32.06 0.34 -26.44
N ASP A 157 31.21 0.10 -27.45
CA ASP A 157 31.70 -0.49 -28.70
C ASP A 157 32.33 0.61 -29.55
N ASP A 158 33.66 0.69 -29.46
CA ASP A 158 34.38 1.69 -30.25
C ASP A 158 34.47 1.33 -31.71
N CYS A 159 33.89 0.20 -32.12
CA CYS A 159 33.94 -0.21 -33.50
C CYS A 159 32.64 0.07 -34.23
N ARG A 160 31.68 0.73 -33.59
CA ARG A 160 30.43 1.12 -34.25
C ARG A 160 30.17 2.58 -33.93
N PRO A 161 30.09 3.49 -34.93
CA PRO A 161 30.49 3.26 -36.31
C PRO A 161 31.96 2.86 -36.44
N ASN A 162 32.27 2.14 -37.48
CA ASN A 162 33.61 1.64 -37.66
C ASN A 162 34.59 2.80 -37.92
N PRO A 163 35.57 3.02 -37.04
CA PRO A 163 36.52 4.12 -37.20
C PRO A 163 37.57 3.81 -38.27
N CYS A 164 37.61 2.54 -38.71
CA CYS A 164 38.66 2.13 -39.66
C CYS A 164 38.15 2.46 -41.04
N HIS A 165 38.91 3.26 -41.78
CA HIS A 165 38.49 3.64 -43.12
C HIS A 165 38.79 2.50 -44.09
N ASN A 166 38.15 2.61 -45.26
CA ASN A 166 38.50 1.77 -46.41
C ASN A 166 38.34 0.30 -46.09
N GLY A 167 37.27 -0.02 -45.33
CA GLY A 167 37.01 -1.43 -45.17
C GLY A 167 37.85 -2.13 -44.11
N GLY A 168 38.66 -1.40 -43.34
CA GLY A 168 39.53 -2.05 -42.37
C GLY A 168 38.74 -2.72 -41.26
N SER A 169 39.34 -3.79 -40.70
CA SER A 169 38.72 -4.48 -39.57
C SER A 169 39.02 -3.81 -38.26
N CYS A 170 37.99 -3.69 -37.43
CA CYS A 170 38.08 -2.99 -36.17
C CYS A 170 38.04 -3.98 -35.02
N THR A 171 38.95 -3.77 -34.05
CA THR A 171 38.93 -4.49 -32.76
C THR A 171 38.72 -3.49 -31.66
N ASP A 172 37.77 -3.77 -30.79
CA ASP A 172 37.45 -2.87 -29.70
C ASP A 172 38.43 -3.07 -28.54
N GLY A 173 38.70 -1.97 -27.81
CA GLY A 173 39.42 -2.02 -26.57
C GLY A 173 38.81 -1.10 -25.53
N ILE A 174 39.50 -0.83 -24.44
CA ILE A 174 38.99 0.10 -23.42
C ILE A 174 39.27 1.51 -23.97
N ASN A 175 38.21 2.20 -24.35
CA ASN A 175 38.27 3.54 -24.92
C ASN A 175 39.23 3.60 -26.10
N THR A 176 39.21 2.58 -26.93
CA THR A 176 40.16 2.59 -28.06
C THR A 176 39.67 1.58 -29.06
N ALA A 177 40.21 1.68 -30.26
CA ALA A 177 39.90 0.74 -31.33
C ALA A 177 41.19 0.51 -32.09
N PHE A 178 41.35 -0.70 -32.60
CA PHE A 178 42.52 -1.04 -33.37
C PHE A 178 42.09 -1.47 -34.76
N CYS A 179 42.83 -1.01 -35.79
CA CYS A 179 42.45 -1.29 -37.19
C CYS A 179 43.42 -2.22 -37.88
N ASP A 180 42.90 -3.29 -38.48
CA ASP A 180 43.69 -4.09 -39.41
C ASP A 180 43.28 -3.71 -40.83
N CYS A 181 44.23 -3.15 -41.60
CA CYS A 181 43.88 -2.61 -42.91
C CYS A 181 43.81 -3.68 -43.99
N LEU A 182 42.90 -3.44 -44.93
CA LEU A 182 42.91 -4.19 -46.21
C LEU A 182 44.18 -3.97 -47.00
N PRO A 183 44.54 -4.92 -47.87
CA PRO A 183 45.62 -4.67 -48.85
C PRO A 183 45.46 -3.33 -49.54
N GLY A 184 46.55 -2.60 -49.63
CA GLY A 184 46.50 -1.31 -50.28
C GLY A 184 46.41 -0.16 -49.30
N PHE A 185 46.13 -0.43 -48.01
CA PHE A 185 45.92 0.64 -47.07
C PHE A 185 46.81 0.48 -45.85
N ARG A 186 47.10 1.62 -45.23
CA ARG A 186 47.90 1.61 -44.02
C ARG A 186 47.52 2.81 -43.18
N GLY A 187 48.18 2.92 -42.04
CA GLY A 187 47.90 3.98 -41.08
C GLY A 187 46.95 3.51 -39.99
N THR A 188 46.92 4.28 -38.91
CA THR A 188 46.19 3.88 -37.71
C THR A 188 44.76 3.54 -38.05
N PHE A 189 44.14 4.32 -38.93
CA PHE A 189 42.75 4.09 -39.31
C PHE A 189 42.61 3.76 -40.78
N CYS A 190 43.70 3.28 -41.39
CA CYS A 190 43.67 2.81 -42.78
C CYS A 190 43.38 3.90 -43.76
N GLU A 191 43.75 5.12 -43.47
CA GLU A 191 43.43 6.24 -44.33
C GLU A 191 44.44 6.44 -45.48
N GLU A 192 45.57 5.76 -45.42
CA GLU A 192 46.65 5.90 -46.38
C GLU A 192 46.55 4.79 -47.41
N GLY A 193 46.57 5.16 -48.69
CA GLY A 193 46.58 4.20 -49.78
C GLY A 193 47.98 4.02 -50.31
N SER A 194 48.26 2.83 -50.84
CA SER A 194 49.60 2.43 -51.27
C SER A 194 49.45 1.54 -52.49
N GLY A 195 49.90 2.05 -53.64
CA GLY A 195 49.88 1.32 -54.90
C GLY A 195 48.49 1.11 -55.50
N LEU A 196 47.56 2.06 -55.26
CA LEU A 196 46.20 2.05 -55.79
C LEU A 196 46.06 2.90 -57.05
N GLU A 197 45.32 2.37 -58.03
CA GLU A 197 44.98 3.11 -59.26
C GLU A 197 46.19 3.62 -60.02
#